data_7ZKN
#
_entry.id   7ZKN
#
_cell.length_a   76.620
_cell.length_b   114.860
_cell.length_c   83.440
_cell.angle_alpha   90.000
_cell.angle_beta   117.250
_cell.angle_gamma   90.000
#
_symmetry.space_group_name_H-M   'P 1 21 1'
#
loop_
_entity.id
_entity.type
_entity.pdbx_description
1 polymer 'Thrombin light chain'
2 polymer 'Thrombin heavy chain'
3 polymer TBA-NNp/DDp
4 branched 2-acetamido-2-deoxy-beta-D-glucopyranose-(1-4)-2-acetamido-2-deoxy-beta-D-glucopyranose
5 non-polymer D-phenylalanyl-N-[(2S,3S)-6-{[amino(iminio)methyl]amino}-1-chloro-2-hydroxyhexan-3-yl]-L-prolinamide
6 non-polymer '3-[13-methyl-5,7,12,14-tetrakis(oxidanylidene)-6,13-diazatetracyclo[6.6.2.0^{4,16}.0^{11,15}]hexadeca-1(15),2,4(16),8,10-pentaen-6-yl]propyl 3-[5,7,12,14-tetrakis(oxidanylidene)-13-(3-oxidanylpropyl)-6,13-diazatetracyclo[6.6.2.0^{4,16}.0^{11,15}]hexadeca-1,3,8(16),9,11(15)-pentaen-6-yl]propyl hydrogen phosphate'
7 non-polymer '3-[5-[3-bis(oxidanyl)phosphanyloxypropoxy]naphthalen-1-yl]oxypropyl 3-(5-oxidanylnaphthalen-1-yl)oxypropyl hydrogen phosphate'
8 non-polymer 'POTASSIUM ION'
9 water water
#
loop_
_entity_poly.entity_id
_entity_poly.type
_entity_poly.pdbx_seq_one_letter_code
_entity_poly.pdbx_strand_id
1 'polypeptide(L)' TFGSGEADCGLRPLFEKKSLEDKTERELLESYIDGR A,C
2 'polypeptide(L)'
;IVEGSDAEIGMSPWQVMLFRKSPQELLCGASLISDRWVLTAAHCLLYPPWDKNFTENDLLVRIGKHSRTRYERNIEKISM
LEKIYIHPRYNWRENLDRDIALMKLKKPVAFSDYIHPVCLPDRETAASLLQAGYKGRVTGWGNLKETWTANVGKGQPSVL
QVVNLPIVERPVCKDSTRIRITDNMFCAGYKPDEGKRGDACEGDSGGPFVMKSPFNNRWYQMGIVSWGEGCDRDGKYGFY
THVFRLKKWIQKVIDQFGE
;
B,D
3 'polydeoxyribonucleotide' (DG)(DG)(DT)(DT)(DG)(DG)(DT)(DG)(DT)(DG)(DG)(DT)(DT)(DG)(DG) E,F,G,I
#
# COMPACT_ATOMS: atom_id res chain seq x y z
N ALA A 7 -8.73 -3.47 24.56
CA ALA A 7 -10.16 -3.15 24.23
C ALA A 7 -10.22 -2.42 22.89
N ASP A 8 -9.75 -1.16 22.90
CA ASP A 8 -9.79 -0.28 21.75
C ASP A 8 -8.51 -0.43 20.94
N CYS A 9 -7.48 -1.06 21.54
CA CYS A 9 -6.12 -1.06 21.03
C CYS A 9 -6.08 -1.64 19.62
N GLY A 10 -5.13 -1.14 18.82
CA GLY A 10 -4.74 -1.78 17.57
C GLY A 10 -5.37 -1.14 16.34
N LEU A 11 -6.38 -0.30 16.57
CA LEU A 11 -7.16 0.30 15.49
C LEU A 11 -6.96 1.80 15.49
N ARG A 12 -6.66 2.35 14.31
CA ARG A 12 -6.25 3.75 14.20
C ARG A 12 -7.46 4.64 13.92
N PRO A 13 -7.63 5.73 14.71
CA PRO A 13 -8.65 6.74 14.46
C PRO A 13 -8.71 7.28 13.03
N LEU A 14 -7.61 7.15 12.28
CA LEU A 14 -7.52 7.76 10.97
C LEU A 14 -7.35 6.71 9.87
N PHE A 15 -7.47 5.43 10.22
CA PHE A 15 -7.26 4.38 9.23
C PHE A 15 -8.28 3.26 9.41
N GLU A 16 -8.00 2.33 10.34
CA GLU A 16 -8.87 1.18 10.53
C GLU A 16 -10.30 1.63 10.83
N LYS A 17 -10.44 2.69 11.63
CA LYS A 17 -11.75 3.13 12.11
C LYS A 17 -12.47 3.97 11.06
N LYS A 18 -11.77 4.32 9.98
CA LYS A 18 -12.36 5.08 8.89
C LYS A 18 -12.35 4.25 7.59
N SER A 19 -12.19 2.93 7.73
CA SER A 19 -12.05 2.01 6.62
C SER A 19 -11.13 2.59 5.56
N LEU A 20 -9.90 2.93 5.97
CA LEU A 20 -8.86 3.39 5.06
C LEU A 20 -7.55 2.71 5.45
N GLU A 21 -6.72 2.42 4.45
CA GLU A 21 -5.41 1.85 4.75
C GLU A 21 -4.31 2.87 4.44
N ASP A 22 -3.15 2.66 5.05
CA ASP A 22 -1.98 3.47 4.78
C ASP A 22 -1.31 2.96 3.51
N LYS A 23 -0.39 3.76 2.96
CA LYS A 23 0.06 3.56 1.59
C LYS A 23 0.90 2.30 1.45
N THR A 24 1.29 1.68 2.57
CA THR A 24 2.32 0.64 2.52
C THR A 24 1.95 -0.61 3.32
N GLU A 25 0.82 -0.58 4.03
CA GLU A 25 0.45 -1.68 4.92
C GLU A 25 0.06 -2.94 4.14
N ARG A 26 -0.33 -2.75 2.87
CA ARG A 26 -0.61 -3.87 1.99
C ARG A 26 0.63 -4.74 1.87
N GLU A 27 1.80 -4.09 1.75
CA GLU A 27 3.08 -4.76 1.58
C GLU A 27 3.30 -5.74 2.72
N LEU A 28 2.82 -5.37 3.91
CA LEU A 28 2.94 -6.19 5.10
C LEU A 28 2.00 -7.40 4.98
N LEU A 29 0.81 -7.16 4.44
CA LEU A 29 -0.22 -8.18 4.36
C LEU A 29 0.12 -9.17 3.24
N GLU A 30 0.85 -8.70 2.23
CA GLU A 30 1.19 -9.54 1.09
C GLU A 30 2.29 -10.53 1.46
N SER A 31 3.00 -10.28 2.56
CA SER A 31 4.12 -11.13 2.94
C SER A 31 3.67 -12.18 3.96
N TYR A 32 2.46 -12.72 3.79
CA TYR A 32 1.99 -13.78 4.66
C TYR A 32 1.78 -15.08 3.86
N ILE B 1 15.97 6.05 11.18
CA ILE B 1 15.54 4.94 10.28
C ILE B 1 16.20 5.13 8.93
N VAL B 2 16.93 4.10 8.48
CA VAL B 2 17.63 4.13 7.20
C VAL B 2 16.71 3.56 6.13
N GLU B 3 16.61 4.28 5.00
CA GLU B 3 15.87 3.87 3.82
C GLU B 3 14.38 3.88 4.10
N GLY B 4 13.97 4.71 5.06
CA GLY B 4 12.56 4.82 5.42
C GLY B 4 11.83 5.79 4.50
N SER B 5 10.78 6.41 5.04
CA SER B 5 9.99 7.45 4.40
C SER B 5 9.04 8.04 5.44
N ASP B 6 8.60 9.29 5.20
CA ASP B 6 7.75 10.02 6.13
C ASP B 6 6.53 9.20 6.50
N ALA B 7 6.18 9.22 7.79
CA ALA B 7 4.92 8.66 8.27
C ALA B 7 3.78 9.52 7.74
N GLU B 8 2.65 8.86 7.45
CA GLU B 8 1.41 9.58 7.24
C GLU B 8 0.89 10.01 8.59
N ILE B 9 0.15 11.13 8.64
CA ILE B 9 -0.41 11.59 9.89
C ILE B 9 -1.29 10.48 10.45
N GLY B 10 -1.08 10.15 11.72
CA GLY B 10 -1.91 9.18 12.43
C GLY B 10 -1.63 7.75 12.01
N MET B 11 -0.47 7.54 11.37
CA MET B 11 -0.07 6.24 10.85
C MET B 11 0.42 5.37 12.00
N SER B 12 1.04 6.01 13.00
CA SER B 12 1.65 5.30 14.09
C SER B 12 1.29 5.99 15.41
N PRO B 13 0.01 5.95 15.84
CA PRO B 13 -0.44 6.76 16.97
C PRO B 13 0.09 6.29 18.34
N TRP B 14 0.75 5.13 18.33
CA TRP B 14 1.28 4.55 19.54
C TRP B 14 2.72 5.02 19.76
N GLN B 15 3.33 5.59 18.72
CA GLN B 15 4.70 6.07 18.79
C GLN B 15 4.83 7.08 19.92
N VAL B 16 5.89 6.94 20.73
CA VAL B 16 6.13 7.82 21.84
C VAL B 16 7.59 8.28 21.79
N MET B 17 7.78 9.58 21.93
CA MET B 17 9.10 10.16 21.93
C MET B 17 9.55 10.28 23.38
N LEU B 18 10.73 9.75 23.68
CA LEU B 18 11.31 9.85 25.01
C LEU B 18 12.37 10.96 25.01
N PHE B 19 12.10 12.00 25.81
CA PHE B 19 12.80 13.27 25.75
C PHE B 19 13.42 13.56 27.11
N ARG B 20 14.73 13.87 27.13
CA ARG B 20 15.38 14.31 28.36
C ARG B 20 15.17 15.80 28.53
N LYS B 21 15.14 16.26 29.79
CA LYS B 21 14.66 17.59 30.11
C LYS B 21 15.73 18.66 29.87
N SER B 22 16.96 18.40 30.32
CA SER B 22 18.06 19.33 30.10
C SER B 22 19.40 18.59 30.04
N PRO B 23 20.20 18.82 28.99
CA PRO B 23 19.80 19.64 27.86
C PRO B 23 18.70 18.95 27.04
N GLN B 24 17.65 19.71 26.72
CA GLN B 24 16.48 19.21 26.01
C GLN B 24 16.92 18.53 24.72
N GLU B 25 16.81 17.19 24.69
CA GLU B 25 17.16 16.42 23.52
C GLU B 25 16.33 15.14 23.47
N LEU B 26 16.14 14.62 22.25
CA LEU B 26 15.51 13.35 22.02
C LEU B 26 16.47 12.24 22.44
N LEU B 27 15.94 11.21 23.12
CA LEU B 27 16.73 10.05 23.50
C LEU B 27 16.32 8.87 22.64
N CYS B 28 15.04 8.49 22.75
CA CYS B 28 14.60 7.21 22.25
C CYS B 28 13.17 7.31 21.74
N GLY B 29 12.73 6.22 21.10
CA GLY B 29 11.32 5.95 20.88
C GLY B 29 10.72 5.16 22.04
N ALA B 30 9.41 4.97 21.97
CA ALA B 30 8.66 4.19 22.94
C ALA B 30 7.28 3.95 22.35
N SER B 31 6.46 3.15 23.03
CA SER B 31 5.13 2.86 22.51
C SER B 31 4.11 2.86 23.64
N LEU B 32 2.98 3.53 23.36
CA LEU B 32 1.81 3.55 24.21
C LEU B 32 1.11 2.19 24.13
N ILE B 33 0.78 1.61 25.30
CA ILE B 33 0.22 0.27 25.31
C ILE B 33 -1.08 0.26 26.11
N SER B 34 -1.18 1.16 27.09
CA SER B 34 -2.46 1.54 27.66
C SER B 34 -2.51 3.06 27.69
N ASP B 35 -3.34 3.63 28.58
CA ASP B 35 -3.41 5.08 28.69
C ASP B 35 -2.40 5.56 29.73
N ARG B 36 -1.79 4.62 30.47
CA ARG B 36 -0.91 4.93 31.59
C ARG B 36 0.45 4.28 31.40
N TRP B 37 0.54 3.36 30.42
CA TRP B 37 1.73 2.56 30.28
C TRP B 37 2.39 2.80 28.93
N VAL B 38 3.70 3.08 28.99
CA VAL B 38 4.52 3.25 27.81
C VAL B 38 5.69 2.28 27.92
N LEU B 39 5.96 1.59 26.80
CA LEU B 39 6.96 0.54 26.70
C LEU B 39 8.14 1.10 25.91
N THR B 40 9.36 0.96 26.48
CA THR B 40 10.58 1.39 25.82
C THR B 40 11.65 0.31 25.95
N ALA B 41 12.88 0.63 25.49
CA ALA B 41 14.05 -0.22 25.65
C ALA B 41 14.79 0.19 26.92
N ALA B 42 15.40 -0.78 27.59
CA ALA B 42 16.05 -0.52 28.87
C ALA B 42 17.25 0.41 28.68
N HIS B 43 18.03 0.20 27.61
CA HIS B 43 19.29 0.88 27.45
C HIS B 43 19.07 2.38 27.24
N CYS B 44 17.82 2.75 26.93
CA CYS B 44 17.45 4.14 26.77
C CYS B 44 17.53 4.86 28.12
N LEU B 45 17.52 4.07 29.20
CA LEU B 45 17.37 4.60 30.55
C LEU B 45 18.61 4.26 31.39
N LEU B 46 19.17 3.07 31.15
CA LEU B 46 20.29 2.58 31.95
C LEU B 46 21.28 1.81 31.08
N TYR B 47 22.31 2.53 30.60
CA TYR B 47 23.45 1.89 29.98
C TYR B 47 24.73 2.40 30.65
N PRO B 48 25.19 1.75 31.75
CA PRO B 48 26.44 2.15 32.40
C PRO B 48 27.62 2.35 31.45
N PRO B 49 27.92 1.43 30.51
CA PRO B 49 29.06 1.58 29.60
C PRO B 49 29.14 2.93 28.89
N TRP B 50 28.00 3.62 28.79
CA TRP B 50 27.94 4.96 28.22
C TRP B 50 27.64 5.99 29.30
N ASP B 51 27.74 5.57 30.58
CA ASP B 51 27.38 6.42 31.70
C ASP B 51 25.96 6.98 31.49
N LYS B 52 25.00 6.08 31.31
CA LYS B 52 23.61 6.47 31.06
C LYS B 52 22.76 5.89 32.19
N ASN B 53 22.19 6.78 33.02
CA ASN B 53 21.41 6.36 34.16
C ASN B 53 20.38 7.44 34.49
N PHE B 54 19.16 7.28 33.95
CA PHE B 54 18.15 8.32 34.04
C PHE B 54 17.12 8.01 35.13
N THR B 55 16.54 9.09 35.68
CA THR B 55 15.52 9.03 36.71
C THR B 55 14.20 9.52 36.12
N GLU B 56 13.09 9.04 36.71
CA GLU B 56 11.76 9.50 36.35
C GLU B 56 11.76 11.02 36.28
N ASN B 57 12.58 11.63 37.13
CA ASN B 57 12.63 13.08 37.29
C ASN B 57 13.28 13.73 36.07
N ASP B 58 14.09 12.97 35.32
CA ASP B 58 14.97 13.51 34.29
C ASP B 58 14.25 13.65 32.93
N LEU B 59 13.16 12.91 32.71
CA LEU B 59 12.65 12.71 31.36
C LEU B 59 11.19 13.13 31.24
N LEU B 60 10.78 13.33 29.97
CA LEU B 60 9.41 13.51 29.54
C LEU B 60 9.11 12.48 28.45
N VAL B 61 7.82 12.12 28.31
CA VAL B 61 7.36 11.44 27.12
C VAL B 61 6.49 12.43 26.35
N ARG B 62 6.62 12.42 25.02
CA ARG B 62 5.78 13.25 24.17
C ARG B 62 4.99 12.33 23.24
N ILE B 63 3.65 12.45 23.30
CA ILE B 63 2.77 11.49 22.64
C ILE B 63 1.99 12.20 21.55
N GLY B 64 1.96 11.58 20.35
CA GLY B 64 1.14 12.01 19.24
C GLY B 64 1.91 12.91 18.28
N LYS B 65 3.23 12.91 18.38
CA LYS B 65 4.05 13.86 17.62
C LYS B 65 4.24 13.36 16.20
N HIS B 66 4.54 14.30 15.29
CA HIS B 66 4.91 13.97 13.93
C HIS B 66 6.25 14.60 13.56
N SER B 67 6.36 15.92 13.76
CA SER B 67 7.61 16.63 13.54
C SER B 67 8.57 16.31 14.69
N ARG B 68 9.86 16.17 14.36
CA ARG B 68 10.84 15.80 15.36
C ARG B 68 10.98 16.92 16.39
N THR B 69 11.09 18.17 15.91
CA THR B 69 11.58 19.28 16.70
C THR B 69 10.42 20.13 17.22
N ARG B 70 9.59 20.63 16.29
CA ARG B 70 8.53 21.57 16.56
C ARG B 70 7.60 21.03 17.64
N TYR B 71 6.94 21.93 18.37
CA TYR B 71 5.92 21.54 19.33
C TYR B 71 4.55 21.60 18.66
N GLU B 72 3.96 20.42 18.39
CA GLU B 72 2.62 20.34 17.73
C GLU B 72 1.56 20.91 18.67
N ARG B 73 0.95 22.05 18.31
CA ARG B 73 -0.05 22.73 19.16
C ARG B 73 -1.42 22.06 19.01
N ASN B 74 -2.01 21.56 20.09
CA ASN B 74 -3.33 20.87 20.03
C ASN B 74 -3.16 19.46 19.47
N ILE B 75 -1.93 19.00 19.26
CA ILE B 75 -1.75 17.64 18.83
C ILE B 75 -1.05 16.85 19.93
N GLU B 76 0.20 17.22 20.24
CA GLU B 76 1.03 16.42 21.13
C GLU B 76 0.57 16.59 22.59
N LYS B 77 0.66 15.49 23.34
CA LYS B 77 0.51 15.52 24.79
C LYS B 77 1.87 15.24 25.41
N ILE B 78 2.10 15.79 26.61
CA ILE B 78 3.37 15.60 27.29
C ILE B 78 3.11 15.01 28.67
N SER B 79 3.63 13.80 28.90
CA SER B 79 3.42 13.12 30.17
C SER B 79 4.69 13.20 31.03
N MET B 80 4.48 13.06 32.34
CA MET B 80 5.55 12.93 33.31
C MET B 80 5.62 11.47 33.73
N LEU B 81 6.83 11.00 34.06
CA LEU B 81 7.02 9.63 34.47
C LEU B 81 6.78 9.51 35.97
N GLU B 82 6.06 8.46 36.37
CA GLU B 82 5.82 8.18 37.78
C GLU B 82 6.74 7.06 38.26
N LYS B 83 7.01 6.08 37.38
CA LYS B 83 7.83 4.94 37.77
C LYS B 83 8.36 4.21 36.54
N ILE B 84 9.69 4.14 36.45
CA ILE B 84 10.39 3.28 35.51
C ILE B 84 10.43 1.87 36.10
N TYR B 85 10.19 0.85 35.27
CA TYR B 85 10.36 -0.53 35.70
C TYR B 85 11.27 -1.26 34.72
N ILE B 86 12.58 -1.17 34.96
CA ILE B 86 13.56 -1.83 34.12
C ILE B 86 13.52 -3.33 34.42
N HIS B 87 13.74 -4.16 33.39
CA HIS B 87 13.61 -5.60 33.55
C HIS B 87 14.64 -6.09 34.56
N PRO B 88 14.23 -6.91 35.56
CA PRO B 88 15.16 -7.49 36.54
C PRO B 88 16.25 -8.39 35.96
N ARG B 89 16.02 -8.96 34.78
CA ARG B 89 16.99 -9.86 34.17
C ARG B 89 17.67 -9.18 32.97
N TYR B 90 17.59 -7.85 32.90
CA TYR B 90 18.20 -7.10 31.81
C TYR B 90 19.71 -7.10 31.97
N ASN B 91 20.43 -7.59 30.95
CA ASN B 91 21.89 -7.67 31.03
C ASN B 91 22.51 -6.64 30.10
N TRP B 92 23.18 -5.64 30.67
CA TRP B 92 23.78 -4.57 29.88
C TRP B 92 25.26 -4.82 29.64
N ARG B 93 25.81 -5.83 30.32
CA ARG B 93 27.22 -6.16 30.18
C ARG B 93 27.42 -6.99 28.92
N GLU B 94 26.67 -8.10 28.81
CA GLU B 94 26.84 -9.05 27.71
C GLU B 94 26.29 -8.49 26.41
N ASN B 95 24.98 -8.67 26.16
CA ASN B 95 24.43 -8.56 24.82
C ASN B 95 23.05 -7.90 24.83
N LEU B 96 22.83 -6.95 25.76
CA LEU B 96 21.58 -6.21 25.87
C LEU B 96 20.38 -7.16 25.86
N ASP B 97 20.54 -8.33 26.48
CA ASP B 97 19.43 -9.27 26.60
C ASP B 97 18.35 -8.66 27.49
N ARG B 98 17.08 -8.84 27.09
CA ARG B 98 15.95 -8.36 27.87
C ARG B 98 15.97 -6.84 27.94
N ASP B 99 16.26 -6.20 26.80
CA ASP B 99 16.33 -4.76 26.66
C ASP B 99 14.91 -4.19 26.61
N ILE B 100 14.32 -4.00 27.79
CA ILE B 100 12.91 -3.62 27.93
C ILE B 100 12.69 -2.87 29.23
N ALA B 101 11.70 -1.97 29.25
CA ALA B 101 11.34 -1.24 30.45
C ALA B 101 9.90 -0.77 30.35
N LEU B 102 9.22 -0.73 31.49
CA LEU B 102 7.86 -0.21 31.56
C LEU B 102 7.85 1.10 32.32
N MET B 103 7.14 2.09 31.77
CA MET B 103 7.00 3.39 32.39
C MET B 103 5.53 3.70 32.64
N LYS B 104 5.23 4.15 33.85
CA LYS B 104 3.88 4.53 34.23
C LYS B 104 3.80 6.05 34.25
N LEU B 105 2.75 6.61 33.64
CA LEU B 105 2.60 8.05 33.54
C LEU B 105 1.94 8.56 34.82
N LYS B 106 2.28 9.80 35.20
CA LYS B 106 1.74 10.41 36.40
C LYS B 106 0.22 10.50 36.27
N LYS B 107 -0.23 10.70 35.03
CA LYS B 107 -1.60 11.03 34.68
C LYS B 107 -1.95 10.36 33.35
N PRO B 108 -3.14 9.75 33.19
CA PRO B 108 -3.51 9.08 31.94
C PRO B 108 -3.55 10.10 30.81
N VAL B 109 -3.06 9.69 29.65
CA VAL B 109 -3.14 10.50 28.44
C VAL B 109 -4.49 10.24 27.78
N ALA B 110 -5.12 11.30 27.29
CA ALA B 110 -6.39 11.17 26.59
C ALA B 110 -6.12 10.88 25.12
N PHE B 111 -6.75 9.80 24.62
CA PHE B 111 -6.56 9.37 23.25
C PHE B 111 -7.18 10.39 22.29
N SER B 112 -6.65 10.43 21.07
CA SER B 112 -7.15 11.29 20.02
C SER B 112 -6.89 10.59 18.68
N ASP B 113 -6.97 11.35 17.59
CA ASP B 113 -6.73 10.80 16.28
C ASP B 113 -5.25 10.46 16.13
N TYR B 114 -4.44 11.12 16.96
CA TYR B 114 -2.99 11.06 16.84
C TYR B 114 -2.40 10.20 17.95
N ILE B 115 -3.20 9.96 19.01
CA ILE B 115 -2.76 9.22 20.18
C ILE B 115 -3.68 8.03 20.35
N HIS B 116 -3.08 6.83 20.34
CA HIS B 116 -3.85 5.58 20.49
C HIS B 116 -2.90 4.43 20.81
N PRO B 117 -3.27 3.53 21.75
CA PRO B 117 -2.40 2.42 22.13
C PRO B 117 -2.42 1.24 21.16
N VAL B 118 -1.27 0.56 21.08
CA VAL B 118 -1.07 -0.62 20.25
C VAL B 118 -1.40 -1.84 21.11
N CYS B 119 -1.59 -3.00 20.47
CA CYS B 119 -1.88 -4.22 21.20
C CYS B 119 -0.59 -4.98 21.46
N LEU B 120 -0.59 -5.78 22.52
CA LEU B 120 0.48 -6.74 22.77
C LEU B 120 -0.03 -8.13 22.39
N PRO B 121 0.85 -9.03 21.91
CA PRO B 121 0.42 -10.33 21.39
C PRO B 121 0.22 -11.39 22.47
N ASP B 122 -0.38 -12.52 22.06
CA ASP B 122 -0.53 -13.69 22.91
C ASP B 122 -0.07 -14.92 22.13
N ARG B 123 0.04 -16.06 22.83
CA ARG B 123 0.48 -17.32 22.24
C ARG B 123 0.10 -17.36 20.77
N GLU B 124 -1.21 -17.32 20.50
CA GLU B 124 -1.74 -17.51 19.15
C GLU B 124 -1.16 -16.47 18.20
N THR B 125 -1.18 -15.19 18.61
CA THR B 125 -0.75 -14.10 17.74
C THR B 125 0.72 -14.25 17.41
N ALA B 126 1.55 -14.38 18.45
CA ALA B 126 2.99 -14.52 18.30
C ALA B 126 3.31 -15.71 17.39
N ALA B 127 2.53 -16.78 17.57
CA ALA B 127 2.74 -18.07 16.93
C ALA B 127 2.50 -17.96 15.42
N SER B 128 1.42 -17.28 15.05
CA SER B 128 0.99 -17.24 13.65
C SER B 128 1.64 -16.09 12.89
N LEU B 129 2.41 -15.25 13.59
CA LEU B 129 2.83 -13.98 13.02
C LEU B 129 4.36 -13.83 13.02
N LEU B 130 5.06 -14.63 13.82
CA LEU B 130 6.49 -14.44 14.03
C LEU B 130 7.32 -15.33 13.12
N GLN B 131 6.75 -15.76 12.00
CA GLN B 131 7.48 -16.62 11.08
C GLN B 131 8.40 -15.76 10.21
N ALA B 132 9.53 -16.34 9.80
CA ALA B 132 10.52 -15.63 9.00
C ALA B 132 9.92 -15.24 7.65
N GLY B 133 10.38 -14.12 7.10
CA GLY B 133 9.93 -13.61 5.82
C GLY B 133 8.75 -12.64 5.97
N TYR B 134 7.94 -12.85 7.00
CA TYR B 134 6.83 -11.98 7.36
C TYR B 134 7.41 -10.62 7.75
N LYS B 135 6.78 -9.56 7.25
CA LYS B 135 7.31 -8.21 7.42
C LYS B 135 6.56 -7.48 8.52
N GLY B 136 7.30 -6.67 9.29
CA GLY B 136 6.74 -5.72 10.25
C GLY B 136 7.12 -4.29 9.88
N ARG B 137 6.84 -3.34 10.79
CA ARG B 137 7.04 -1.94 10.48
C ARG B 137 7.73 -1.22 11.65
N VAL B 138 8.91 -0.63 11.36
CA VAL B 138 9.69 0.06 12.38
C VAL B 138 9.57 1.57 12.18
N THR B 139 9.44 2.29 13.29
CA THR B 139 9.16 3.72 13.29
C THR B 139 10.10 4.42 14.26
N GLY B 140 10.45 5.68 13.98
CA GLY B 140 11.31 6.44 14.88
C GLY B 140 11.77 7.78 14.30
N TRP B 141 12.48 8.54 15.13
CA TRP B 141 13.03 9.83 14.75
C TRP B 141 14.55 9.79 14.78
N GLY B 142 15.12 8.57 14.70
CA GLY B 142 16.55 8.37 14.77
C GLY B 142 17.27 8.80 13.49
N ASN B 143 18.48 8.26 13.30
CA ASN B 143 19.38 8.70 12.24
C ASN B 143 18.97 8.10 10.91
N LEU B 144 18.99 8.93 9.86
CA LEU B 144 18.68 8.51 8.50
C LEU B 144 19.81 7.65 7.96
N LYS B 145 21.05 8.15 8.10
CA LYS B 145 22.24 7.40 7.74
C LYS B 145 23.11 7.21 8.98
N GLU B 146 23.78 6.06 9.02
CA GLU B 146 24.79 5.75 10.01
C GLU B 146 25.94 6.75 9.90
N THR B 147 26.41 7.24 11.06
CA THR B 147 27.58 8.09 11.16
C THR B 147 28.41 7.68 12.39
N GLY B 155 22.18 11.98 10.03
CA GLY B 155 20.75 11.64 10.14
C GLY B 155 19.91 12.84 10.59
N GLN B 156 18.98 12.58 11.50
CA GLN B 156 18.03 13.54 12.04
C GLN B 156 17.04 13.98 10.96
N PRO B 157 15.95 13.21 10.73
CA PRO B 157 14.83 13.67 9.89
C PRO B 157 14.01 14.69 10.67
N SER B 158 13.17 15.44 9.96
CA SER B 158 12.37 16.46 10.62
C SER B 158 10.96 15.93 10.87
N VAL B 159 10.75 14.66 10.46
CA VAL B 159 9.45 14.02 10.55
C VAL B 159 9.65 12.52 10.75
N LEU B 160 8.70 11.90 11.47
CA LEU B 160 8.71 10.48 11.82
C LEU B 160 8.88 9.60 10.57
N GLN B 161 9.63 8.51 10.73
CA GLN B 161 10.03 7.68 9.61
C GLN B 161 9.47 6.27 9.78
N VAL B 162 9.22 5.62 8.63
CA VAL B 162 8.66 4.27 8.61
C VAL B 162 9.46 3.45 7.61
N VAL B 163 9.79 2.22 8.00
CA VAL B 163 10.39 1.27 7.09
C VAL B 163 9.72 -0.07 7.34
N ASN B 164 9.59 -0.88 6.28
CA ASN B 164 8.99 -2.20 6.42
C ASN B 164 10.07 -3.26 6.24
N LEU B 165 10.27 -4.08 7.27
CA LEU B 165 11.40 -4.99 7.34
C LEU B 165 10.90 -6.40 7.63
N PRO B 166 11.44 -7.43 6.95
CA PRO B 166 11.02 -8.82 7.20
C PRO B 166 11.79 -9.48 8.34
N ILE B 167 11.07 -10.28 9.13
CA ILE B 167 11.66 -11.13 10.15
C ILE B 167 12.64 -12.09 9.46
N VAL B 168 13.83 -12.25 10.05
CA VAL B 168 14.82 -13.22 9.59
C VAL B 168 14.86 -14.40 10.55
N GLU B 169 15.34 -15.55 10.06
CA GLU B 169 15.37 -16.80 10.82
C GLU B 169 16.69 -16.90 11.59
N ARG B 170 16.61 -17.51 12.78
CA ARG B 170 17.62 -17.41 13.82
C ARG B 170 19.00 -17.85 13.32
N PRO B 171 19.14 -19.00 12.61
CA PRO B 171 20.42 -19.36 11.98
C PRO B 171 21.14 -18.18 11.33
N VAL B 172 20.41 -17.41 10.52
CA VAL B 172 20.98 -16.30 9.78
C VAL B 172 21.36 -15.17 10.74
N CYS B 173 20.54 -14.95 11.77
CA CYS B 173 20.82 -13.94 12.78
C CYS B 173 22.18 -14.22 13.41
N LYS B 174 22.41 -15.50 13.76
CA LYS B 174 23.61 -15.93 14.46
C LYS B 174 24.85 -15.58 13.64
N ASP B 175 24.90 -16.07 12.40
CA ASP B 175 26.08 -15.98 11.56
C ASP B 175 26.41 -14.52 11.26
N SER B 176 25.50 -13.61 11.61
CA SER B 176 25.55 -12.24 11.14
C SER B 176 26.40 -11.36 12.05
N THR B 177 26.50 -11.74 13.33
CA THR B 177 27.15 -10.92 14.33
C THR B 177 28.07 -11.77 15.22
N ARG B 178 29.13 -11.14 15.72
CA ARG B 178 30.00 -11.75 16.72
C ARG B 178 29.30 -11.75 18.08
N ILE B 179 28.32 -10.84 18.26
CA ILE B 179 27.56 -10.68 19.49
C ILE B 179 26.67 -11.91 19.68
N ARG B 180 26.57 -12.38 20.93
CA ARG B 180 25.79 -13.55 21.27
C ARG B 180 24.31 -13.19 21.29
N ILE B 181 23.48 -14.11 20.79
CA ILE B 181 22.05 -13.94 20.66
C ILE B 181 21.39 -14.75 21.76
N THR B 182 20.21 -14.29 22.22
CA THR B 182 19.34 -15.11 23.03
C THR B 182 17.99 -15.23 22.33
N ASP B 183 17.07 -15.98 22.97
CA ASP B 183 15.74 -16.18 22.42
C ASP B 183 14.89 -14.93 22.58
N ASN B 184 15.35 -14.03 23.46
CA ASN B 184 14.60 -12.83 23.80
C ASN B 184 14.78 -11.78 22.70
N MET B 185 15.43 -12.17 21.60
CA MET B 185 15.69 -11.27 20.50
C MET B 185 15.28 -11.93 19.19
N PHE B 186 14.75 -11.13 18.26
CA PHE B 186 14.72 -11.52 16.87
C PHE B 186 15.50 -10.49 16.04
N CYS B 187 16.07 -10.95 14.93
CA CYS B 187 16.63 -10.01 13.97
C CYS B 187 15.68 -9.88 12.79
N ALA B 188 15.74 -8.72 12.13
CA ALA B 188 14.91 -8.41 10.97
C ALA B 188 15.69 -7.50 10.04
N GLY B 189 15.38 -7.60 8.74
CA GLY B 189 16.06 -6.80 7.73
C GLY B 189 16.14 -7.55 6.40
N TYR B 190 16.68 -6.88 5.38
CA TYR B 190 16.79 -7.48 4.07
C TYR B 190 18.13 -8.20 3.91
N LYS B 191 18.08 -9.40 3.33
CA LYS B 191 19.29 -10.13 2.99
C LYS B 191 20.02 -9.39 1.86
N PRO B 192 21.32 -9.68 1.62
CA PRO B 192 22.13 -8.83 0.72
C PRO B 192 21.79 -8.95 -0.76
N ASP B 193 21.09 -10.03 -1.14
CA ASP B 193 20.71 -10.27 -2.52
C ASP B 193 19.30 -9.73 -2.80
N GLU B 194 18.63 -9.23 -1.75
CA GLU B 194 17.20 -8.98 -1.78
C GLU B 194 16.85 -7.61 -2.35
N GLY B 195 17.85 -6.86 -2.81
CA GLY B 195 17.62 -5.72 -3.68
C GLY B 195 17.06 -4.48 -2.97
N LYS B 196 16.12 -4.70 -2.04
CA LYS B 196 15.55 -3.65 -1.21
C LYS B 196 16.30 -3.63 0.13
N ARG B 197 16.35 -2.45 0.76
CA ARG B 197 17.15 -2.26 1.96
C ARG B 197 16.39 -1.45 3.01
N GLY B 198 17.05 -1.14 4.13
CA GLY B 198 16.44 -0.41 5.23
C GLY B 198 16.73 -1.04 6.58
N ASP B 199 16.70 -0.21 7.64
CA ASP B 199 17.07 -0.66 8.98
C ASP B 199 16.70 0.41 9.99
N ALA B 200 16.64 0.01 11.28
CA ALA B 200 16.58 0.94 12.39
C ALA B 200 17.98 1.49 12.66
N CYS B 201 18.08 2.53 13.49
CA CYS B 201 19.37 3.17 13.74
C CYS B 201 19.42 3.78 15.14
N GLU B 202 20.52 4.47 15.42
CA GLU B 202 20.71 5.25 16.64
C GLU B 202 19.56 6.25 16.76
N GLY B 203 18.97 6.33 17.95
CA GLY B 203 17.88 7.26 18.23
C GLY B 203 16.51 6.60 18.08
N ASP B 204 16.51 5.35 17.58
CA ASP B 204 15.29 4.66 17.21
C ASP B 204 14.92 3.61 18.25
N SER B 205 15.83 3.36 19.20
CA SER B 205 15.61 2.37 20.24
C SER B 205 14.31 2.65 20.99
N GLY B 206 13.70 1.58 21.49
CA GLY B 206 12.45 1.66 22.24
C GLY B 206 11.25 1.65 21.31
N GLY B 207 11.46 2.17 20.09
CA GLY B 207 10.42 2.23 19.07
C GLY B 207 9.87 0.84 18.74
N PRO B 208 8.57 0.75 18.38
CA PRO B 208 7.92 -0.54 18.15
C PRO B 208 8.23 -1.16 16.80
N PHE B 209 8.27 -2.50 16.79
CA PHE B 209 8.18 -3.32 15.60
C PHE B 209 6.79 -3.93 15.58
N VAL B 210 5.90 -3.34 14.78
CA VAL B 210 4.50 -3.75 14.74
C VAL B 210 4.24 -4.57 13.49
N MET B 211 3.23 -5.44 13.57
CA MET B 211 2.67 -6.17 12.45
C MET B 211 1.14 -6.12 12.57
N LYS B 212 0.48 -5.99 11.42
CA LYS B 212 -0.98 -6.01 11.34
C LYS B 212 -1.44 -7.44 11.19
N SER B 213 -2.48 -7.80 11.95
CA SER B 213 -2.99 -9.16 11.97
C SER B 213 -3.96 -9.35 10.81
N PRO B 214 -3.86 -10.49 10.07
CA PRO B 214 -4.78 -10.76 8.97
C PRO B 214 -6.13 -11.27 9.49
N PHE B 215 -6.14 -11.76 10.74
CA PHE B 215 -7.34 -12.30 11.35
C PHE B 215 -8.24 -11.16 11.83
N ASN B 216 -7.75 -10.34 12.76
CA ASN B 216 -8.62 -9.41 13.47
C ASN B 216 -8.33 -7.96 13.08
N ASN B 217 -7.37 -7.76 12.17
CA ASN B 217 -7.17 -6.47 11.54
C ASN B 217 -6.62 -5.45 12.54
N ARG B 218 -5.73 -5.91 13.43
CA ARG B 218 -5.20 -5.07 14.49
C ARG B 218 -3.69 -5.02 14.44
N TRP B 219 -3.12 -3.95 14.99
CA TRP B 219 -1.67 -3.80 15.06
C TRP B 219 -1.16 -4.31 16.40
N TYR B 220 -0.21 -5.25 16.32
CA TYR B 220 0.38 -5.87 17.48
C TYR B 220 1.84 -5.44 17.56
N GLN B 221 2.31 -5.06 18.75
CA GLN B 221 3.72 -4.80 18.93
C GLN B 221 4.44 -6.11 19.24
N MET B 222 5.28 -6.54 18.30
CA MET B 222 5.96 -7.82 18.39
C MET B 222 7.38 -7.62 18.89
N GLY B 223 7.90 -6.40 18.73
CA GLY B 223 9.30 -6.14 19.03
C GLY B 223 9.56 -4.72 19.55
N ILE B 224 10.82 -4.49 19.93
CA ILE B 224 11.33 -3.19 20.34
C ILE B 224 12.72 -3.05 19.72
N VAL B 225 12.91 -1.99 18.92
CA VAL B 225 14.25 -1.65 18.46
C VAL B 225 15.18 -1.70 19.66
N SER B 226 16.16 -2.62 19.62
CA SER B 226 17.10 -2.89 20.70
C SER B 226 18.52 -2.49 20.32
N TRP B 227 19.12 -3.22 19.36
CA TRP B 227 20.52 -2.97 18.99
C TRP B 227 20.80 -3.35 17.53
N GLY B 228 22.05 -3.12 17.12
CA GLY B 228 22.58 -3.52 15.82
C GLY B 228 23.88 -2.79 15.47
N GLU B 229 24.87 -3.55 14.98
CA GLU B 229 26.17 -3.06 14.56
C GLU B 229 26.04 -2.30 13.25
N GLY B 230 26.31 -0.99 13.29
CA GLY B 230 26.11 -0.09 12.16
C GLY B 230 24.63 0.13 11.89
N CYS B 231 24.32 0.82 10.78
CA CYS B 231 22.95 0.97 10.35
C CYS B 231 22.87 0.63 8.87
N ASP B 232 22.24 -0.51 8.57
CA ASP B 232 21.91 -0.91 7.20
C ASP B 232 23.17 -1.35 6.46
N ARG B 233 23.93 -2.26 7.09
CA ARG B 233 25.04 -2.90 6.42
C ARG B 233 24.55 -4.20 5.80
N ASP B 234 25.22 -4.63 4.71
CA ASP B 234 24.90 -5.88 4.05
C ASP B 234 25.32 -7.04 4.95
N GLY B 235 24.49 -8.08 4.98
CA GLY B 235 24.73 -9.23 5.84
C GLY B 235 24.49 -8.88 7.31
N LYS B 236 24.23 -7.60 7.58
CA LYS B 236 23.95 -7.11 8.93
C LYS B 236 22.44 -6.92 9.12
N TYR B 237 21.97 -7.24 10.32
CA TYR B 237 20.56 -7.17 10.63
C TYR B 237 20.35 -6.51 12.00
N GLY B 238 19.31 -5.65 12.08
CA GLY B 238 18.91 -5.04 13.34
C GLY B 238 18.24 -6.06 14.25
N PHE B 239 18.42 -5.87 15.58
CA PHE B 239 17.89 -6.80 16.55
C PHE B 239 16.80 -6.12 17.37
N TYR B 240 15.84 -6.94 17.82
CA TYR B 240 14.61 -6.43 18.42
C TYR B 240 14.22 -7.32 19.59
N THR B 241 13.89 -6.67 20.71
CA THR B 241 13.41 -7.35 21.91
C THR B 241 12.12 -8.10 21.59
N HIS B 242 12.04 -9.35 22.05
CA HIS B 242 10.93 -10.24 21.76
C HIS B 242 9.80 -9.96 22.74
N VAL B 243 8.87 -9.08 22.35
CA VAL B 243 7.88 -8.52 23.27
C VAL B 243 7.06 -9.62 23.93
N PHE B 244 6.71 -10.67 23.18
CA PHE B 244 5.84 -11.69 23.76
C PHE B 244 6.56 -12.43 24.89
N ARG B 245 7.81 -12.82 24.62
CA ARG B 245 8.57 -13.65 25.55
C ARG B 245 8.73 -12.94 26.89
N LEU B 246 8.39 -11.66 26.93
CA LEU B 246 8.49 -10.91 28.16
C LEU B 246 7.11 -10.42 28.60
N LYS B 247 6.06 -10.88 27.91
CA LYS B 247 4.72 -10.33 28.13
C LYS B 247 4.24 -10.67 29.53
N LYS B 248 4.60 -11.87 30.01
CA LYS B 248 4.16 -12.32 31.32
C LYS B 248 4.66 -11.35 32.38
N TRP B 249 5.89 -10.83 32.18
CA TRP B 249 6.45 -9.82 33.07
C TRP B 249 5.70 -8.50 32.90
N ILE B 250 5.43 -8.12 31.64
CA ILE B 250 4.73 -6.88 31.34
C ILE B 250 3.37 -6.90 32.02
N GLN B 251 2.69 -8.06 31.93
CA GLN B 251 1.35 -8.20 32.49
C GLN B 251 1.41 -8.15 34.01
N LYS B 252 2.35 -8.92 34.59
CA LYS B 252 2.53 -9.02 36.02
C LYS B 252 2.74 -7.63 36.62
N VAL B 253 3.60 -6.83 35.98
CA VAL B 253 3.95 -5.50 36.43
C VAL B 253 2.68 -4.65 36.46
N ILE B 254 1.98 -4.61 35.32
CA ILE B 254 0.82 -3.75 35.14
C ILE B 254 -0.31 -4.20 36.05
N ASP B 255 -0.43 -5.51 36.25
CA ASP B 255 -1.44 -6.08 37.12
C ASP B 255 -1.19 -5.66 38.57
N GLN B 256 0.10 -5.54 38.93
CA GLN B 256 0.47 -5.25 40.31
C GLN B 256 0.39 -3.77 40.64
N PHE B 257 0.81 -2.90 39.70
CA PHE B 257 0.96 -1.48 39.99
C PHE B 257 0.03 -0.65 39.11
N GLY B 258 -1.18 -1.17 38.87
CA GLY B 258 -2.20 -0.50 38.08
C GLY B 258 -3.54 -0.52 38.80
N GLU B 259 -4.51 -1.22 38.19
CA GLU B 259 -5.87 -1.40 38.69
C GLU B 259 -6.41 -0.08 39.29
N ALA C 7 -7.02 0.64 -37.93
CA ALA C 7 -7.67 0.74 -39.29
C ALA C 7 -9.16 0.45 -39.18
N ASP C 8 -9.48 -0.76 -38.72
CA ASP C 8 -10.86 -1.18 -38.45
C ASP C 8 -11.04 -1.37 -36.95
N CYS C 9 -10.28 -0.59 -36.16
CA CYS C 9 -10.34 -0.69 -34.71
C CYS C 9 -11.71 -0.21 -34.23
N GLY C 10 -12.10 -0.68 -33.04
CA GLY C 10 -13.24 -0.13 -32.32
C GLY C 10 -14.57 -0.72 -32.79
N LEU C 11 -14.51 -1.71 -33.68
CA LEU C 11 -15.68 -2.36 -34.22
C LEU C 11 -15.63 -3.86 -33.89
N ARG C 12 -16.55 -4.30 -33.02
CA ARG C 12 -16.49 -5.65 -32.49
C ARG C 12 -16.95 -6.65 -33.53
N PRO C 13 -16.14 -7.71 -33.82
CA PRO C 13 -16.55 -8.80 -34.70
C PRO C 13 -18.00 -9.20 -34.45
N LEU C 14 -18.31 -9.60 -33.22
CA LEU C 14 -19.56 -10.27 -32.88
C LEU C 14 -20.70 -9.26 -32.69
N PHE C 15 -20.44 -7.98 -32.95
CA PHE C 15 -21.46 -6.97 -32.72
C PHE C 15 -21.57 -6.03 -33.91
N GLU C 16 -20.78 -4.96 -33.89
CA GLU C 16 -20.85 -3.92 -34.91
C GLU C 16 -20.80 -4.55 -36.31
N LYS C 17 -19.87 -5.51 -36.50
CA LYS C 17 -19.63 -6.12 -37.79
C LYS C 17 -20.84 -6.94 -38.24
N LYS C 18 -21.56 -7.53 -37.29
CA LYS C 18 -22.76 -8.30 -37.58
C LYS C 18 -24.01 -7.44 -37.46
N SER C 19 -23.83 -6.11 -37.31
CA SER C 19 -24.91 -5.15 -37.14
C SER C 19 -25.83 -5.56 -36.00
N LEU C 20 -25.23 -5.96 -34.87
CA LEU C 20 -25.96 -6.33 -33.67
C LEU C 20 -25.46 -5.48 -32.50
N GLU C 21 -26.38 -4.85 -31.78
CA GLU C 21 -25.99 -4.10 -30.59
C GLU C 21 -25.88 -5.07 -29.41
N ASP C 22 -25.37 -4.56 -28.27
CA ASP C 22 -25.27 -5.36 -27.06
C ASP C 22 -26.33 -4.88 -26.07
N LYS C 23 -26.50 -5.67 -24.99
CA LYS C 23 -27.66 -5.60 -24.13
C LYS C 23 -27.80 -4.21 -23.49
N THR C 24 -26.67 -3.56 -23.21
CA THR C 24 -26.67 -2.39 -22.34
C THR C 24 -26.13 -1.15 -23.04
N GLU C 25 -25.52 -1.33 -24.23
CA GLU C 25 -24.81 -0.26 -24.91
C GLU C 25 -25.75 0.88 -25.30
N ARG C 26 -27.07 0.63 -25.24
CA ARG C 26 -28.04 1.66 -25.54
C ARG C 26 -28.05 2.71 -24.44
N GLU C 27 -27.78 2.26 -23.21
CA GLU C 27 -27.77 3.14 -22.04
C GLU C 27 -26.71 4.22 -22.22
N LEU C 28 -25.60 3.85 -22.87
CA LEU C 28 -24.52 4.78 -23.16
C LEU C 28 -25.02 5.84 -24.12
N LEU C 29 -25.59 5.39 -25.25
CA LEU C 29 -26.04 6.28 -26.31
C LEU C 29 -27.14 7.20 -25.78
N GLU C 30 -27.94 6.69 -24.85
CA GLU C 30 -29.04 7.46 -24.29
C GLU C 30 -28.53 8.60 -23.42
N SER C 31 -27.31 8.46 -22.89
CA SER C 31 -26.78 9.46 -21.98
C SER C 31 -26.33 10.71 -22.74
N TYR C 32 -26.80 10.85 -23.99
CA TYR C 32 -26.58 12.06 -24.77
C TYR C 32 -27.92 12.64 -25.23
N ILE D 1 -14.97 -5.35 -10.49
CA ILE D 1 -16.11 -4.44 -10.77
C ILE D 1 -17.22 -4.73 -9.76
N VAL D 2 -17.78 -3.67 -9.17
CA VAL D 2 -18.82 -3.77 -8.16
C VAL D 2 -20.15 -3.36 -8.77
N GLU D 3 -21.18 -4.17 -8.51
CA GLU D 3 -22.53 -3.91 -9.01
C GLU D 3 -22.52 -3.90 -10.54
N GLY D 4 -21.67 -4.74 -11.13
CA GLY D 4 -21.59 -4.88 -12.56
C GLY D 4 -22.47 -6.03 -13.03
N SER D 5 -21.94 -6.84 -13.95
CA SER D 5 -22.58 -8.07 -14.41
C SER D 5 -21.73 -8.73 -15.49
N ASP D 6 -22.08 -9.98 -15.79
CA ASP D 6 -21.38 -10.79 -16.78
C ASP D 6 -21.35 -10.03 -18.12
N ALA D 7 -20.19 -10.10 -18.78
CA ALA D 7 -20.07 -9.60 -20.14
C ALA D 7 -20.73 -10.61 -21.08
N GLU D 8 -21.34 -10.09 -22.15
CA GLU D 8 -21.66 -10.93 -23.28
C GLU D 8 -20.33 -11.34 -23.90
N ILE D 9 -20.25 -12.55 -24.44
CA ILE D 9 -19.08 -13.01 -25.16
C ILE D 9 -18.80 -12.06 -26.33
N GLY D 10 -17.52 -11.72 -26.52
CA GLY D 10 -17.09 -10.88 -27.62
C GLY D 10 -17.46 -9.42 -27.42
N MET D 11 -17.86 -9.09 -26.19
CA MET D 11 -18.38 -7.77 -25.87
C MET D 11 -17.24 -6.80 -25.66
N SER D 12 -16.10 -7.30 -25.20
CA SER D 12 -14.96 -6.44 -24.90
C SER D 12 -13.66 -7.11 -25.37
N PRO D 13 -13.42 -7.21 -26.69
CA PRO D 13 -12.40 -8.11 -27.22
C PRO D 13 -10.99 -7.49 -27.20
N TRP D 14 -10.93 -6.21 -26.78
CA TRP D 14 -9.69 -5.50 -26.58
C TRP D 14 -9.21 -5.72 -25.16
N GLN D 15 -10.11 -6.19 -24.29
CA GLN D 15 -9.75 -6.51 -22.91
C GLN D 15 -8.59 -7.50 -22.93
N VAL D 16 -7.55 -7.16 -22.16
CA VAL D 16 -6.35 -7.96 -22.03
C VAL D 16 -6.16 -8.28 -20.55
N MET D 17 -5.60 -9.45 -20.27
CA MET D 17 -5.37 -9.89 -18.90
C MET D 17 -3.87 -9.92 -18.66
N LEU D 18 -3.43 -9.32 -17.55
CA LEU D 18 -2.02 -9.27 -17.20
C LEU D 18 -1.71 -10.32 -16.15
N PHE D 19 -0.97 -11.35 -16.58
CA PHE D 19 -0.75 -12.53 -15.77
C PHE D 19 0.69 -12.56 -15.27
N ARG D 20 0.86 -13.04 -14.04
CA ARG D 20 2.18 -13.24 -13.44
C ARG D 20 2.58 -14.69 -13.65
N LYS D 21 3.81 -14.90 -14.16
CA LYS D 21 4.30 -16.23 -14.47
C LYS D 21 4.35 -17.10 -13.21
N SER D 22 5.12 -16.67 -12.21
CA SER D 22 5.22 -17.42 -10.96
C SER D 22 5.30 -16.48 -9.75
N PRO D 23 4.41 -16.64 -8.75
CA PRO D 23 3.30 -17.59 -8.83
C PRO D 23 2.25 -17.15 -9.84
N GLN D 24 1.49 -18.13 -10.37
CA GLN D 24 0.45 -17.88 -11.35
C GLN D 24 -0.70 -17.15 -10.67
N GLU D 25 -0.81 -15.83 -10.92
CA GLU D 25 -1.88 -15.02 -10.38
C GLU D 25 -2.22 -13.88 -11.34
N LEU D 26 -3.51 -13.52 -11.37
CA LEU D 26 -4.00 -12.36 -12.09
C LEU D 26 -3.45 -11.11 -11.42
N LEU D 27 -3.02 -10.13 -12.23
CA LEU D 27 -2.51 -8.88 -11.70
C LEU D 27 -3.46 -7.73 -12.06
N CYS D 28 -3.67 -7.55 -13.36
CA CYS D 28 -4.36 -6.35 -13.81
C CYS D 28 -5.13 -6.65 -15.09
N GLY D 29 -5.89 -5.64 -15.53
CA GLY D 29 -6.37 -5.57 -16.90
C GLY D 29 -5.40 -4.79 -17.77
N ALA D 30 -5.66 -4.79 -19.08
CA ALA D 30 -5.00 -3.92 -20.03
C ALA D 30 -5.94 -3.78 -21.24
N SER D 31 -5.43 -3.29 -22.36
CA SER D 31 -6.26 -3.13 -23.55
C SER D 31 -5.42 -3.21 -24.81
N LEU D 32 -5.92 -3.96 -25.79
CA LEU D 32 -5.27 -4.14 -27.08
C LEU D 32 -5.54 -2.91 -27.95
N ILE D 33 -4.47 -2.24 -28.38
CA ILE D 33 -4.61 -1.02 -29.16
C ILE D 33 -3.99 -1.22 -30.53
N SER D 34 -3.42 -2.41 -30.72
CA SER D 34 -2.72 -2.79 -31.95
C SER D 34 -2.37 -4.26 -31.80
N ASP D 35 -1.92 -4.90 -32.89
CA ASP D 35 -1.62 -6.32 -32.82
C ASP D 35 -0.37 -6.57 -31.99
N ARG D 36 0.40 -5.50 -31.72
CA ARG D 36 1.72 -5.62 -31.11
C ARG D 36 1.80 -4.80 -29.82
N TRP D 37 0.74 -4.04 -29.52
CA TRP D 37 0.80 -3.01 -28.50
C TRP D 37 -0.37 -3.10 -27.54
N VAL D 38 -0.04 -3.20 -26.25
CA VAL D 38 -1.03 -3.29 -25.19
C VAL D 38 -0.79 -2.14 -24.20
N LEU D 39 -1.87 -1.65 -23.59
CA LEU D 39 -1.84 -0.45 -22.78
C LEU D 39 -2.43 -0.74 -21.40
N THR D 40 -1.65 -0.46 -20.35
CA THR D 40 -2.07 -0.73 -18.99
C THR D 40 -1.81 0.47 -18.08
N ALA D 41 -2.17 0.32 -16.80
CA ALA D 41 -1.90 1.30 -15.77
C ALA D 41 -0.51 1.02 -15.19
N ALA D 42 0.24 2.09 -14.88
CA ALA D 42 1.64 1.98 -14.51
C ALA D 42 1.80 1.23 -13.19
N HIS D 43 0.89 1.46 -12.24
CA HIS D 43 1.05 0.94 -10.89
C HIS D 43 0.90 -0.58 -10.87
N CYS D 44 0.58 -1.14 -12.05
CA CYS D 44 0.41 -2.56 -12.22
C CYS D 44 1.78 -3.24 -12.34
N LEU D 45 2.79 -2.45 -12.71
CA LEU D 45 4.10 -2.95 -13.05
C LEU D 45 5.15 -2.40 -12.07
N LEU D 46 4.91 -1.19 -11.57
CA LEU D 46 5.87 -0.50 -10.73
C LEU D 46 5.16 0.32 -9.65
N TYR D 47 5.02 -0.27 -8.46
CA TYR D 47 4.54 0.49 -7.32
C TYR D 47 5.44 0.19 -6.12
N PRO D 48 6.55 0.94 -5.96
CA PRO D 48 7.45 0.78 -4.81
C PRO D 48 6.77 0.57 -3.45
N PRO D 49 5.84 1.44 -2.99
CA PRO D 49 5.25 1.29 -1.67
C PRO D 49 4.75 -0.11 -1.33
N TRP D 50 4.39 -0.88 -2.35
CA TRP D 50 3.92 -2.25 -2.16
C TRP D 50 5.02 -3.24 -2.49
N ASP D 51 6.19 -2.71 -2.89
CA ASP D 51 7.33 -3.49 -3.34
C ASP D 51 6.98 -4.18 -4.66
N LYS D 52 6.46 -3.38 -5.60
CA LYS D 52 5.96 -3.86 -6.88
C LYS D 52 6.86 -3.35 -8.00
N ASN D 53 7.54 -4.28 -8.68
CA ASN D 53 8.46 -3.94 -9.74
C ASN D 53 8.65 -5.15 -10.66
N PHE D 54 7.71 -5.34 -11.60
CA PHE D 54 7.73 -6.52 -12.47
C PHE D 54 8.51 -6.22 -13.74
N THR D 55 9.11 -7.27 -14.32
CA THR D 55 9.88 -7.16 -15.54
C THR D 55 9.21 -7.93 -16.66
N GLU D 56 9.58 -7.58 -17.90
CA GLU D 56 9.07 -8.20 -19.12
C GLU D 56 8.99 -9.72 -18.96
N ASN D 57 9.96 -10.31 -18.24
CA ASN D 57 10.08 -11.76 -18.18
C ASN D 57 9.17 -12.36 -17.11
N ASP D 58 8.70 -11.52 -16.18
CA ASP D 58 7.88 -11.97 -15.07
C ASP D 58 6.43 -12.18 -15.51
N LEU D 59 6.09 -11.72 -16.72
CA LEU D 59 4.70 -11.46 -17.08
C LEU D 59 4.33 -12.13 -18.39
N LEU D 60 3.08 -12.60 -18.45
CA LEU D 60 2.39 -13.02 -19.65
C LEU D 60 1.28 -12.02 -19.93
N VAL D 61 0.67 -12.15 -21.11
CA VAL D 61 -0.49 -11.35 -21.47
C VAL D 61 -1.50 -12.29 -22.12
N ARG D 62 -2.74 -12.27 -21.59
CA ARG D 62 -3.77 -13.22 -22.02
C ARG D 62 -4.91 -12.47 -22.69
N ILE D 63 -5.02 -12.64 -24.02
CA ILE D 63 -5.92 -11.88 -24.84
C ILE D 63 -7.08 -12.76 -25.30
N GLY D 64 -8.30 -12.21 -25.23
CA GLY D 64 -9.50 -12.83 -25.75
C GLY D 64 -10.20 -13.73 -24.73
N LYS D 65 -9.85 -13.56 -23.45
CA LYS D 65 -10.41 -14.39 -22.39
C LYS D 65 -11.79 -13.87 -21.99
N HIS D 66 -12.55 -14.73 -21.32
CA HIS D 66 -13.85 -14.39 -20.75
C HIS D 66 -13.94 -14.97 -19.34
N SER D 67 -13.64 -16.27 -19.22
CA SER D 67 -13.56 -16.95 -17.93
C SER D 67 -12.30 -16.50 -17.21
N ARG D 68 -12.43 -16.24 -15.90
CA ARG D 68 -11.34 -15.65 -15.13
C ARG D 68 -10.16 -16.61 -15.05
N THR D 69 -10.40 -17.87 -14.72
CA THR D 69 -9.32 -18.78 -14.35
C THR D 69 -9.11 -19.86 -15.41
N ARG D 70 -10.21 -20.40 -15.94
CA ARG D 70 -10.14 -21.51 -16.88
C ARG D 70 -9.38 -21.10 -18.14
N TYR D 71 -8.47 -21.97 -18.60
CA TYR D 71 -7.80 -21.77 -19.88
C TYR D 71 -8.78 -22.05 -21.01
N GLU D 72 -9.09 -21.00 -21.79
CA GLU D 72 -10.07 -21.12 -22.90
C GLU D 72 -9.42 -21.87 -24.06
N ARG D 73 -9.94 -23.06 -24.38
CA ARG D 73 -9.34 -23.91 -25.44
C ARG D 73 -9.67 -23.36 -26.83
N ASN D 74 -8.67 -22.84 -27.55
CA ASN D 74 -8.89 -22.35 -28.95
C ASN D 74 -9.53 -20.96 -28.91
N ILE D 75 -9.56 -20.31 -27.74
CA ILE D 75 -10.06 -18.95 -27.69
C ILE D 75 -8.93 -17.99 -27.33
N GLU D 76 -8.22 -18.27 -26.23
CA GLU D 76 -7.28 -17.30 -25.68
C GLU D 76 -5.89 -17.50 -26.28
N LYS D 77 -5.31 -16.39 -26.75
CA LYS D 77 -3.93 -16.38 -27.19
C LYS D 77 -3.07 -15.73 -26.10
N ILE D 78 -1.84 -16.24 -25.94
CA ILE D 78 -0.94 -15.83 -24.86
C ILE D 78 0.31 -15.21 -25.48
N SER D 79 0.71 -14.05 -24.95
CA SER D 79 1.78 -13.26 -25.52
C SER D 79 2.88 -13.00 -24.48
N MET D 80 4.12 -12.87 -24.97
CA MET D 80 5.25 -12.45 -24.17
C MET D 80 5.46 -10.95 -24.39
N LEU D 81 6.19 -10.31 -23.46
CA LEU D 81 6.48 -8.88 -23.58
C LEU D 81 7.88 -8.69 -24.15
N GLU D 82 8.00 -7.84 -25.17
CA GLU D 82 9.30 -7.40 -25.64
C GLU D 82 9.84 -6.32 -24.70
N LYS D 83 9.10 -5.22 -24.54
CA LYS D 83 9.55 -4.11 -23.73
C LYS D 83 8.37 -3.38 -23.09
N ILE D 84 8.57 -2.99 -21.83
CA ILE D 84 7.61 -2.18 -21.08
C ILE D 84 8.05 -0.72 -21.13
N TYR D 85 7.12 0.17 -21.46
CA TYR D 85 7.41 1.60 -21.42
C TYR D 85 6.49 2.30 -20.41
N ILE D 86 6.98 2.44 -19.18
CA ILE D 86 6.28 3.22 -18.16
C ILE D 86 6.45 4.70 -18.50
N HIS D 87 5.42 5.50 -18.21
CA HIS D 87 5.46 6.92 -18.51
C HIS D 87 6.50 7.62 -17.64
N PRO D 88 7.38 8.44 -18.24
CA PRO D 88 8.44 9.14 -17.48
C PRO D 88 7.93 10.18 -16.48
N ARG D 89 6.73 10.72 -16.71
CA ARG D 89 6.16 11.68 -15.79
C ARG D 89 5.23 11.01 -14.77
N TYR D 90 5.19 9.67 -14.77
CA TYR D 90 4.39 8.90 -13.82
C TYR D 90 4.87 9.21 -12.40
N ASN D 91 3.92 9.41 -11.47
CA ASN D 91 4.25 9.80 -10.11
C ASN D 91 3.60 8.84 -9.12
N TRP D 92 4.37 7.86 -8.63
CA TRP D 92 3.82 6.85 -7.75
C TRP D 92 3.78 7.34 -6.30
N ARG D 93 4.56 8.38 -5.99
CA ARG D 93 4.68 8.83 -4.60
C ARG D 93 3.52 9.74 -4.24
N GLU D 94 3.11 10.59 -5.19
CA GLU D 94 2.12 11.63 -4.92
C GLU D 94 0.70 11.07 -5.04
N ASN D 95 0.24 10.89 -6.29
CA ASN D 95 -1.18 10.66 -6.55
C ASN D 95 -1.41 9.90 -7.85
N LEU D 96 -0.43 9.08 -8.26
CA LEU D 96 -0.54 8.22 -9.42
C LEU D 96 -0.82 9.04 -10.69
N ASP D 97 -0.36 10.29 -10.70
CA ASP D 97 -0.43 11.11 -11.90
C ASP D 97 0.27 10.37 -13.05
N ARG D 98 -0.44 10.23 -14.17
CA ARG D 98 0.09 9.57 -15.36
C ARG D 98 0.27 8.08 -15.09
N ASP D 99 -0.75 7.45 -14.52
CA ASP D 99 -0.78 6.02 -14.29
C ASP D 99 -1.07 5.31 -15.61
N ILE D 100 0.00 5.01 -16.37
CA ILE D 100 -0.12 4.54 -17.75
C ILE D 100 1.19 3.91 -18.17
N ALA D 101 1.11 2.86 -18.99
CA ALA D 101 2.31 2.19 -19.51
C ALA D 101 1.95 1.45 -20.80
N LEU D 102 2.91 1.39 -21.72
CA LEU D 102 2.75 0.63 -22.95
C LEU D 102 3.60 -0.63 -22.88
N MET D 103 3.06 -1.71 -23.45
CA MET D 103 3.81 -2.95 -23.61
C MET D 103 3.76 -3.34 -25.08
N LYS D 104 4.94 -3.62 -25.62
CA LYS D 104 5.06 -4.18 -26.97
C LYS D 104 5.28 -5.67 -26.82
N LEU D 105 4.32 -6.45 -27.33
CA LEU D 105 4.45 -7.91 -27.33
C LEU D 105 5.56 -8.30 -28.31
N LYS D 106 6.12 -9.50 -28.12
CA LYS D 106 7.19 -10.00 -28.97
C LYS D 106 6.63 -10.22 -30.37
N LYS D 107 5.74 -11.21 -30.52
CA LYS D 107 5.10 -11.54 -31.79
C LYS D 107 3.75 -10.82 -31.87
N PRO D 108 3.20 -10.57 -33.08
CA PRO D 108 1.89 -9.93 -33.20
C PRO D 108 0.75 -10.92 -32.93
N VAL D 109 -0.26 -10.48 -32.19
CA VAL D 109 -1.38 -11.33 -31.79
C VAL D 109 -2.35 -11.44 -32.96
N ALA D 110 -2.87 -12.66 -33.18
CA ALA D 110 -3.81 -12.91 -34.26
C ALA D 110 -5.24 -12.57 -33.83
N PHE D 111 -5.89 -11.72 -34.62
CA PHE D 111 -7.23 -11.23 -34.35
C PHE D 111 -8.24 -12.36 -34.56
N SER D 112 -9.36 -12.26 -33.86
CA SER D 112 -10.46 -13.19 -33.98
C SER D 112 -11.75 -12.52 -33.52
N ASP D 113 -12.78 -13.33 -33.27
CA ASP D 113 -14.06 -12.84 -32.80
C ASP D 113 -13.92 -12.33 -31.37
N TYR D 114 -12.89 -12.83 -30.67
CA TYR D 114 -12.70 -12.60 -29.26
C TYR D 114 -11.48 -11.71 -29.03
N ILE D 115 -10.73 -11.45 -30.11
CA ILE D 115 -9.54 -10.61 -30.03
C ILE D 115 -9.64 -9.53 -31.11
N HIS D 116 -9.65 -8.26 -30.67
CA HIS D 116 -9.76 -7.13 -31.58
C HIS D 116 -9.39 -5.83 -30.88
N PRO D 117 -8.64 -4.91 -31.53
CA PRO D 117 -8.15 -3.70 -30.85
C PRO D 117 -9.17 -2.57 -30.78
N VAL D 118 -9.11 -1.81 -29.69
CA VAL D 118 -9.97 -0.66 -29.44
C VAL D 118 -9.33 0.55 -30.11
N CYS D 119 -10.10 1.63 -30.29
CA CYS D 119 -9.58 2.85 -30.86
C CYS D 119 -9.22 3.81 -29.74
N LEU D 120 -8.24 4.68 -30.00
CA LEU D 120 -7.86 5.74 -29.08
C LEU D 120 -8.46 7.05 -29.59
N PRO D 121 -8.77 8.02 -28.72
CA PRO D 121 -9.47 9.24 -29.14
C PRO D 121 -8.53 10.31 -29.72
N ASP D 122 -9.14 11.41 -30.18
CA ASP D 122 -8.43 12.59 -30.69
C ASP D 122 -9.14 13.84 -30.17
N ARG D 123 -8.61 15.02 -30.52
CA ARG D 123 -9.16 16.29 -30.09
C ARG D 123 -10.68 16.27 -30.20
N GLU D 124 -11.18 15.97 -31.40
CA GLU D 124 -12.59 16.06 -31.73
C GLU D 124 -13.40 15.06 -30.90
N THR D 125 -12.97 13.79 -30.92
CA THR D 125 -13.70 12.72 -30.24
C THR D 125 -13.65 12.94 -28.73
N ALA D 126 -12.48 13.33 -28.23
CA ALA D 126 -12.30 13.59 -26.81
C ALA D 126 -13.23 14.73 -26.38
N ALA D 127 -13.42 15.69 -27.29
CA ALA D 127 -14.10 16.95 -26.99
C ALA D 127 -15.58 16.72 -26.75
N SER D 128 -16.20 15.86 -27.57
CA SER D 128 -17.65 15.73 -27.56
C SER D 128 -18.11 14.46 -26.82
N LEU D 129 -17.20 13.81 -26.08
CA LEU D 129 -17.57 12.60 -25.36
C LEU D 129 -17.28 12.71 -23.87
N LEU D 130 -16.33 13.59 -23.50
CA LEU D 130 -15.89 13.69 -22.11
C LEU D 130 -16.72 14.71 -21.33
N GLN D 131 -17.98 14.88 -21.71
CA GLN D 131 -18.89 15.71 -20.93
C GLN D 131 -19.35 14.93 -19.71
N ALA D 132 -19.46 15.63 -18.57
CA ALA D 132 -20.03 15.06 -17.36
C ALA D 132 -21.49 14.68 -17.61
N GLY D 133 -21.88 13.51 -17.09
CA GLY D 133 -23.20 12.96 -17.35
C GLY D 133 -23.14 11.81 -18.36
N TYR D 134 -22.23 11.94 -19.33
CA TYR D 134 -22.00 10.97 -20.39
C TYR D 134 -21.42 9.69 -19.79
N LYS D 135 -22.04 8.54 -20.11
CA LYS D 135 -21.68 7.28 -19.49
C LYS D 135 -20.69 6.52 -20.36
N GLY D 136 -19.80 5.76 -19.69
CA GLY D 136 -18.82 4.88 -20.32
C GLY D 136 -18.86 3.48 -19.72
N ARG D 137 -17.92 2.63 -20.12
CA ARG D 137 -17.95 1.22 -19.76
C ARG D 137 -16.61 0.75 -19.18
N VAL D 138 -16.65 0.21 -17.95
CA VAL D 138 -15.47 -0.34 -17.30
C VAL D 138 -15.63 -1.86 -17.16
N THR D 139 -14.53 -2.58 -17.40
CA THR D 139 -14.55 -4.03 -17.49
C THR D 139 -13.29 -4.60 -16.85
N GLY D 140 -13.45 -5.69 -16.09
CA GLY D 140 -12.31 -6.35 -15.47
C GLY D 140 -12.68 -7.68 -14.79
N TRP D 141 -11.68 -8.28 -14.17
CA TRP D 141 -11.85 -9.49 -13.39
C TRP D 141 -11.50 -9.20 -11.93
N GLY D 142 -11.56 -7.93 -11.54
CA GLY D 142 -11.21 -7.49 -10.19
C GLY D 142 -12.28 -7.88 -9.18
N ASN D 143 -12.18 -7.31 -7.96
CA ASN D 143 -13.06 -7.68 -6.87
C ASN D 143 -14.49 -7.22 -7.13
N LEU D 144 -15.45 -8.04 -6.69
CA LEU D 144 -16.87 -7.74 -6.81
C LEU D 144 -17.27 -6.77 -5.69
N LYS D 145 -16.56 -6.87 -4.57
CA LYS D 145 -16.80 -6.03 -3.41
C LYS D 145 -15.46 -5.76 -2.73
N GLU D 146 -15.37 -4.60 -2.07
CA GLU D 146 -14.21 -4.17 -1.32
C GLU D 146 -13.92 -5.19 -0.21
N THR D 147 -12.64 -5.52 -0.04
CA THR D 147 -12.19 -6.50 0.93
C THR D 147 -11.23 -5.85 1.93
N GLY D 155 -14.33 -10.35 -3.22
CA GLY D 155 -14.72 -10.29 -4.65
C GLY D 155 -14.49 -11.63 -5.34
N GLN D 156 -13.95 -11.55 -6.57
CA GLN D 156 -13.52 -12.67 -7.40
C GLN D 156 -14.66 -13.18 -8.28
N PRO D 157 -14.93 -12.58 -9.46
CA PRO D 157 -15.97 -13.07 -10.36
C PRO D 157 -15.43 -14.24 -11.18
N SER D 158 -16.31 -14.99 -11.83
CA SER D 158 -15.88 -16.15 -12.59
C SER D 158 -15.76 -15.81 -14.08
N VAL D 159 -16.39 -14.71 -14.49
CA VAL D 159 -16.28 -14.23 -15.87
C VAL D 159 -16.12 -12.71 -15.89
N LEU D 160 -15.66 -12.18 -17.04
CA LEU D 160 -15.44 -10.76 -17.22
C LEU D 160 -16.69 -9.97 -16.82
N GLN D 161 -16.50 -8.92 -16.01
CA GLN D 161 -17.56 -8.09 -15.48
C GLN D 161 -17.65 -6.79 -16.25
N VAL D 162 -18.87 -6.23 -16.33
CA VAL D 162 -19.12 -4.99 -17.05
C VAL D 162 -19.99 -4.08 -16.19
N VAL D 163 -19.70 -2.77 -16.25
CA VAL D 163 -20.49 -1.76 -15.56
C VAL D 163 -20.45 -0.48 -16.39
N ASN D 164 -21.54 0.29 -16.32
CA ASN D 164 -21.62 1.54 -17.06
C ASN D 164 -21.67 2.70 -16.06
N LEU D 165 -20.78 3.68 -16.25
CA LEU D 165 -20.64 4.76 -15.27
C LEU D 165 -20.64 6.12 -15.96
N PRO D 166 -21.34 7.12 -15.38
CA PRO D 166 -21.27 8.49 -15.88
C PRO D 166 -19.96 9.17 -15.49
N ILE D 167 -19.39 9.94 -16.43
CA ILE D 167 -18.33 10.89 -16.16
C ILE D 167 -18.86 11.94 -15.20
N VAL D 168 -18.00 12.37 -14.25
CA VAL D 168 -18.40 13.29 -13.19
C VAL D 168 -17.59 14.58 -13.29
N GLU D 169 -18.17 15.68 -12.81
CA GLU D 169 -17.61 17.03 -12.90
C GLU D 169 -16.38 17.13 -12.01
N ARG D 170 -15.36 17.82 -12.53
CA ARG D 170 -14.05 17.91 -11.89
C ARG D 170 -14.15 18.55 -10.52
N PRO D 171 -14.97 19.62 -10.32
CA PRO D 171 -15.22 20.17 -8.98
C PRO D 171 -15.77 19.17 -7.97
N VAL D 172 -16.55 18.19 -8.45
CA VAL D 172 -17.12 17.16 -7.60
C VAL D 172 -16.06 16.11 -7.29
N CYS D 173 -15.30 15.72 -8.32
CA CYS D 173 -14.16 14.81 -8.17
C CYS D 173 -13.22 15.41 -7.12
N LYS D 174 -12.91 16.70 -7.29
CA LYS D 174 -11.93 17.40 -6.47
C LYS D 174 -12.32 17.32 -4.99
N ASP D 175 -13.61 17.54 -4.72
CA ASP D 175 -14.05 17.80 -3.35
C ASP D 175 -14.33 16.49 -2.62
N SER D 176 -14.14 15.36 -3.30
CA SER D 176 -14.58 14.08 -2.77
C SER D 176 -13.40 13.29 -2.17
N THR D 177 -12.19 13.86 -2.27
CA THR D 177 -11.00 13.18 -1.83
C THR D 177 -9.93 14.18 -1.39
N ARG D 178 -9.12 13.76 -0.41
CA ARG D 178 -8.02 14.54 0.13
C ARG D 178 -6.81 14.43 -0.80
N ILE D 179 -6.83 13.43 -1.69
CA ILE D 179 -5.77 13.21 -2.65
C ILE D 179 -5.84 14.31 -3.72
N ARG D 180 -4.68 14.82 -4.12
CA ARG D 180 -4.63 15.84 -5.17
C ARG D 180 -5.06 15.19 -6.48
N ILE D 181 -5.77 15.97 -7.31
CA ILE D 181 -6.24 15.51 -8.59
C ILE D 181 -5.56 16.32 -9.68
N THR D 182 -4.77 15.66 -10.52
CA THR D 182 -4.14 16.31 -11.66
C THR D 182 -5.13 16.37 -12.82
N ASP D 183 -4.73 17.05 -13.90
CA ASP D 183 -5.55 17.20 -15.08
C ASP D 183 -5.48 15.94 -15.95
N ASN D 184 -4.64 14.99 -15.55
CA ASN D 184 -4.43 13.77 -16.33
C ASN D 184 -5.31 12.65 -15.76
N MET D 185 -6.33 13.05 -15.00
CA MET D 185 -7.29 12.13 -14.42
C MET D 185 -8.69 12.71 -14.64
N PHE D 186 -9.67 11.81 -14.84
CA PHE D 186 -11.06 12.13 -14.61
C PHE D 186 -11.62 11.10 -13.63
N CYS D 187 -12.74 11.43 -12.99
CA CYS D 187 -13.40 10.45 -12.15
C CYS D 187 -14.79 10.18 -12.70
N ALA D 188 -15.26 8.94 -12.52
CA ALA D 188 -16.55 8.51 -13.02
C ALA D 188 -17.34 7.87 -11.88
N GLY D 189 -18.64 7.70 -12.11
CA GLY D 189 -19.48 6.97 -11.17
C GLY D 189 -20.72 7.74 -10.77
N TYR D 190 -21.63 7.05 -10.08
CA TYR D 190 -22.91 7.61 -9.69
C TYR D 190 -22.75 8.38 -8.39
N LYS D 191 -23.56 9.43 -8.24
CA LYS D 191 -23.64 10.22 -7.03
C LYS D 191 -24.56 9.50 -6.06
N PRO D 192 -24.71 9.96 -4.79
CA PRO D 192 -25.44 9.20 -3.77
C PRO D 192 -26.93 9.11 -4.07
N ASP D 193 -27.50 10.22 -4.56
CA ASP D 193 -28.91 10.33 -4.90
C ASP D 193 -29.12 9.99 -6.36
N GLU D 194 -28.80 8.74 -6.73
CA GLU D 194 -28.92 8.31 -8.12
C GLU D 194 -29.38 6.86 -8.17
N GLY D 195 -29.41 6.19 -7.01
CA GLY D 195 -30.05 4.89 -6.87
C GLY D 195 -29.37 3.78 -7.69
N LYS D 196 -28.51 4.17 -8.64
CA LYS D 196 -27.69 3.20 -9.36
C LYS D 196 -26.28 3.21 -8.78
N ARG D 197 -25.77 2.01 -8.47
CA ARG D 197 -24.43 1.85 -7.92
C ARG D 197 -23.48 1.39 -9.03
N GLY D 198 -22.21 1.17 -8.66
CA GLY D 198 -21.23 0.65 -9.61
C GLY D 198 -19.89 1.37 -9.51
N ASP D 199 -18.80 0.60 -9.65
CA ASP D 199 -17.45 1.10 -9.52
C ASP D 199 -16.47 -0.01 -9.92
N ALA D 200 -15.27 0.41 -10.35
CA ALA D 200 -14.14 -0.51 -10.49
C ALA D 200 -13.58 -0.82 -9.10
N CYS D 201 -12.66 -1.79 -9.04
CA CYS D 201 -12.15 -2.23 -7.76
C CYS D 201 -10.68 -2.61 -7.92
N GLU D 202 -10.06 -3.05 -6.83
CA GLU D 202 -8.76 -3.69 -6.89
C GLU D 202 -8.86 -4.82 -7.91
N GLY D 203 -7.91 -4.83 -8.88
CA GLY D 203 -7.79 -5.88 -9.85
C GLY D 203 -8.24 -5.45 -11.25
N ASP D 204 -8.92 -4.30 -11.29
CA ASP D 204 -9.55 -3.80 -12.51
C ASP D 204 -8.64 -2.79 -13.20
N SER D 205 -7.57 -2.38 -12.51
CA SER D 205 -6.59 -1.44 -13.02
C SER D 205 -6.02 -1.92 -14.35
N GLY D 206 -5.62 -0.95 -15.18
CA GLY D 206 -5.17 -1.25 -16.54
C GLY D 206 -6.36 -1.45 -17.47
N GLY D 207 -7.51 -1.82 -16.88
CA GLY D 207 -8.74 -2.05 -17.60
C GLY D 207 -9.23 -0.78 -18.30
N PRO D 208 -9.86 -0.90 -19.49
CA PRO D 208 -10.33 0.25 -20.25
C PRO D 208 -11.60 0.89 -19.69
N PHE D 209 -11.67 2.22 -19.84
CA PHE D 209 -12.90 2.98 -19.75
C PHE D 209 -13.28 3.38 -21.17
N VAL D 210 -14.22 2.66 -21.78
CA VAL D 210 -14.58 2.91 -23.17
C VAL D 210 -15.91 3.65 -23.25
N MET D 211 -16.10 4.32 -24.39
CA MET D 211 -17.36 4.93 -24.79
C MET D 211 -17.55 4.67 -26.27
N LYS D 212 -18.80 4.46 -26.69
CA LYS D 212 -19.13 4.31 -28.10
C LYS D 212 -19.44 5.69 -28.67
N SER D 213 -18.88 5.95 -29.85
CA SER D 213 -19.03 7.24 -30.51
C SER D 213 -20.33 7.25 -31.32
N PRO D 214 -21.23 8.23 -31.08
CA PRO D 214 -22.46 8.35 -31.84
C PRO D 214 -22.21 8.89 -33.25
N PHE D 215 -21.01 9.43 -33.48
CA PHE D 215 -20.58 9.89 -34.78
C PHE D 215 -20.41 8.72 -35.74
N ASN D 216 -19.70 7.66 -35.31
CA ASN D 216 -19.21 6.67 -36.27
C ASN D 216 -19.30 5.24 -35.73
N ASN D 217 -19.98 5.06 -34.59
CA ASN D 217 -20.30 3.75 -34.03
C ASN D 217 -19.04 2.91 -33.81
N ARG D 218 -17.98 3.55 -33.31
CA ARG D 218 -16.76 2.88 -32.91
C ARG D 218 -16.59 3.03 -31.40
N TRP D 219 -15.85 2.09 -30.80
CA TRP D 219 -15.51 2.15 -29.38
C TRP D 219 -14.13 2.80 -29.22
N TYR D 220 -14.06 3.75 -28.28
CA TYR D 220 -12.84 4.49 -28.01
C TYR D 220 -12.46 4.34 -26.54
N GLN D 221 -11.17 4.17 -26.26
CA GLN D 221 -10.71 4.10 -24.88
C GLN D 221 -10.36 5.50 -24.40
N MET D 222 -11.16 6.00 -23.45
CA MET D 222 -11.02 7.35 -22.94
C MET D 222 -10.23 7.32 -21.64
N GLY D 223 -10.40 6.25 -20.87
CA GLY D 223 -9.76 6.15 -19.56
C GLY D 223 -9.07 4.82 -19.32
N ILE D 224 -8.22 4.81 -18.29
CA ILE D 224 -7.67 3.59 -17.72
C ILE D 224 -8.01 3.60 -16.23
N VAL D 225 -8.53 2.48 -15.72
CA VAL D 225 -8.75 2.31 -14.30
C VAL D 225 -7.43 2.58 -13.58
N SER D 226 -7.38 3.71 -12.85
CA SER D 226 -6.19 4.12 -12.14
C SER D 226 -6.33 3.85 -10.64
N TRP D 227 -7.23 4.58 -9.96
CA TRP D 227 -7.32 4.46 -8.50
C TRP D 227 -8.72 4.76 -7.98
N GLY D 228 -8.85 4.71 -6.64
CA GLY D 228 -10.05 5.04 -5.90
C GLY D 228 -9.83 4.81 -4.40
N GLU D 229 -10.83 5.13 -3.57
CA GLU D 229 -10.71 4.90 -2.14
C GLU D 229 -11.83 3.98 -1.70
N GLY D 230 -11.49 2.68 -1.55
CA GLY D 230 -12.50 1.66 -1.38
C GLY D 230 -13.29 1.45 -2.68
N CYS D 231 -14.17 0.46 -2.69
CA CYS D 231 -14.93 0.19 -3.90
C CYS D 231 -16.40 0.52 -3.67
N ASP D 232 -16.91 1.47 -4.47
CA ASP D 232 -18.33 1.78 -4.54
C ASP D 232 -18.82 2.28 -3.18
N ARG D 233 -18.34 3.45 -2.79
CA ARG D 233 -18.72 4.06 -1.53
C ARG D 233 -19.47 5.35 -1.83
N ASP D 234 -20.54 5.62 -1.07
CA ASP D 234 -21.34 6.82 -1.28
C ASP D 234 -20.46 8.06 -1.11
N GLY D 235 -20.51 8.95 -2.10
CA GLY D 235 -19.80 10.21 -2.06
C GLY D 235 -18.41 10.11 -2.67
N LYS D 236 -17.97 8.87 -2.97
CA LYS D 236 -16.66 8.60 -3.53
C LYS D 236 -16.80 8.13 -4.98
N TYR D 237 -15.78 8.43 -5.80
CA TYR D 237 -15.81 8.07 -7.20
C TYR D 237 -14.46 7.47 -7.60
N GLY D 238 -14.50 6.52 -8.54
CA GLY D 238 -13.29 5.89 -9.05
C GLY D 238 -12.56 6.81 -10.03
N PHE D 239 -11.23 6.71 -10.07
CA PHE D 239 -10.41 7.61 -10.87
C PHE D 239 -9.77 6.86 -12.03
N TYR D 240 -9.63 7.57 -13.15
CA TYR D 240 -9.13 6.98 -14.39
C TYR D 240 -8.07 7.88 -15.00
N THR D 241 -7.06 7.24 -15.62
CA THR D 241 -6.06 7.95 -16.39
C THR D 241 -6.71 8.51 -17.64
N HIS D 242 -6.56 9.82 -17.84
CA HIS D 242 -7.06 10.54 -19.01
C HIS D 242 -6.18 10.19 -20.20
N VAL D 243 -6.70 9.33 -21.10
CA VAL D 243 -5.87 8.72 -22.13
C VAL D 243 -5.47 9.75 -23.18
N PHE D 244 -6.43 10.58 -23.62
CA PHE D 244 -6.14 11.51 -24.70
C PHE D 244 -4.99 12.44 -24.31
N ARG D 245 -4.97 12.84 -23.04
CA ARG D 245 -3.98 13.80 -22.55
C ARG D 245 -2.57 13.22 -22.63
N LEU D 246 -2.46 11.92 -22.92
CA LEU D 246 -1.15 11.28 -23.00
C LEU D 246 -0.97 10.63 -24.37
N LYS D 247 -1.85 10.98 -25.33
CA LYS D 247 -1.90 10.32 -26.63
C LYS D 247 -0.66 10.67 -27.45
N LYS D 248 -0.10 11.87 -27.23
CA LYS D 248 1.13 12.29 -27.88
C LYS D 248 2.25 11.33 -27.51
N TRP D 249 2.31 10.97 -26.22
CA TRP D 249 3.29 10.02 -25.72
C TRP D 249 3.12 8.67 -26.42
N ILE D 250 1.92 8.10 -26.30
CA ILE D 250 1.60 6.78 -26.83
C ILE D 250 2.11 6.66 -28.26
N GLN D 251 1.68 7.58 -29.13
CA GLN D 251 2.04 7.52 -30.54
C GLN D 251 3.56 7.58 -30.71
N LYS D 252 4.17 8.57 -30.06
CA LYS D 252 5.61 8.79 -30.13
C LYS D 252 6.33 7.46 -29.88
N VAL D 253 5.85 6.70 -28.89
CA VAL D 253 6.46 5.44 -28.50
C VAL D 253 6.30 4.43 -29.64
N ILE D 254 5.09 4.34 -30.20
CA ILE D 254 4.79 3.30 -31.18
C ILE D 254 5.47 3.62 -32.52
N ASP D 255 5.74 4.91 -32.75
CA ASP D 255 6.42 5.35 -33.96
C ASP D 255 7.91 5.02 -33.86
N GLN D 256 8.50 5.28 -32.69
CA GLN D 256 9.93 5.19 -32.50
C GLN D 256 10.36 3.79 -32.10
N PHE D 257 9.39 2.87 -31.93
CA PHE D 257 9.71 1.52 -31.49
C PHE D 257 8.79 0.50 -32.18
N GLY D 258 8.19 0.89 -33.31
CA GLY D 258 7.28 0.04 -34.06
C GLY D 258 7.91 -0.50 -35.32
#